data_5N7M
#
_entry.id   5N7M
#
_cell.length_a   84.070
_cell.length_b   84.070
_cell.length_c   165.120
_cell.angle_alpha   90.000
_cell.angle_beta   90.000
_cell.angle_gamma   120.000
#
_symmetry.space_group_name_H-M   'P 31 2 1'
#
loop_
_entity.id
_entity.type
_entity.pdbx_description
1 polymer 'Capsid protein VP1'
2 branched alpha-L-fucopyranose-(1-2)-beta-D-galactopyranose-(1-4)-alpha-D-glucopyranose
3 non-polymer 'SODIUM ION'
4 non-polymer 1,2-ETHANEDIOL
5 water water
#
_entity_poly.entity_id   1
_entity_poly.type   'polypeptide(L)'
_entity_poly.pdbx_seq_one_letter_code
;EQKTRPFTLPNLPLSSLSNSRAPLPISSIGISPDNVQSVQFQNGRCTLDGRLVGTTPVSLSHVAKIRGTSNGTVINLTEL
DGTPFHPFEGPAPIGFPDLGGCDWHINMTQFGHSSQTQYDVDTTPDTFVPHLGSIQANGIGSGNYVGVLSWISPPSHPSG
SQVDLWKIPNYGSSITEATHLAPSVYPPGFGEVLVFFMSKMPGPGAYNLPCLLPQEYISHLASEQAPTVGEAALLHYVDP
DTGRNLGEFKAYPDGFLTCVPNGASSGPQQLPINGVFVFVSWVSRFYQLKPVGTA
;
_entity_poly.pdbx_strand_id   A,B
#
loop_
_chem_comp.id
_chem_comp.type
_chem_comp.name
_chem_comp.formula
EDO non-polymer 1,2-ETHANEDIOL 'C2 H6 O2'
FUC L-saccharide, alpha linking alpha-L-fucopyranose 'C6 H12 O5'
GAL D-saccharide, beta linking beta-D-galactopyranose 'C6 H12 O6'
GLC D-saccharide, alpha linking alpha-D-glucopyranose 'C6 H12 O6'
NA non-polymer 'SODIUM ION' 'Na 1'
#
# COMPACT_ATOMS: atom_id res chain seq x y z
N ARG A 5 -24.86 -12.05 7.33
CA ARG A 5 -24.30 -11.25 6.24
C ARG A 5 -23.56 -12.13 5.23
N PRO A 6 -23.98 -12.08 3.97
CA PRO A 6 -23.34 -12.93 2.95
C PRO A 6 -21.88 -12.53 2.71
N PHE A 7 -21.15 -13.51 2.17
CA PHE A 7 -19.75 -13.34 1.82
C PHE A 7 -19.58 -12.26 0.76
N THR A 8 -18.47 -11.51 0.83
CA THR A 8 -18.20 -10.45 -0.14
C THR A 8 -16.73 -10.42 -0.52
N LEU A 9 -16.46 -9.91 -1.72
CA LEU A 9 -15.17 -9.44 -2.16
C LEU A 9 -15.23 -7.93 -2.37
N PRO A 10 -14.09 -7.24 -2.42
CA PRO A 10 -14.12 -5.77 -2.56
C PRO A 10 -14.84 -5.34 -3.84
N ASN A 11 -15.68 -4.30 -3.70
CA ASN A 11 -16.41 -3.76 -4.84
C ASN A 11 -15.58 -2.63 -5.47
N LEU A 12 -14.46 -3.05 -6.09
CA LEU A 12 -13.44 -2.16 -6.64
C LEU A 12 -12.88 -2.76 -7.92
N PRO A 13 -12.64 -1.97 -8.96
CA PRO A 13 -12.10 -2.54 -10.21
C PRO A 13 -10.64 -2.96 -10.07
N LEU A 14 -10.29 -4.05 -10.78
CA LEU A 14 -8.97 -4.64 -10.61
C LEU A 14 -7.87 -3.63 -10.90
N SER A 15 -8.09 -2.74 -11.86
CA SER A 15 -7.04 -1.83 -12.28
C SER A 15 -6.74 -0.76 -11.24
N SER A 16 -7.57 -0.64 -10.20
CA SER A 16 -7.30 0.28 -9.10
CA SER A 16 -7.30 0.28 -9.10
C SER A 16 -6.56 -0.38 -7.94
N LEU A 17 -6.24 -1.67 -8.03
CA LEU A 17 -5.68 -2.44 -6.92
C LEU A 17 -4.18 -2.71 -7.10
N SER A 18 -3.56 -3.31 -6.08
CA SER A 18 -2.12 -3.56 -6.04
C SER A 18 -1.78 -5.04 -6.08
N ASN A 19 -0.60 -5.33 -6.64
CA ASN A 19 0.03 -6.64 -6.46
C ASN A 19 0.28 -6.88 -4.98
N SER A 20 0.29 -8.17 -4.59
CA SER A 20 0.56 -8.55 -3.21
C SER A 20 1.99 -9.06 -3.00
N ARG A 21 2.82 -9.08 -4.05
CA ARG A 21 4.23 -9.44 -3.88
C ARG A 21 5.19 -8.28 -4.07
N ALA A 22 4.70 -7.13 -4.52
CA ALA A 22 5.47 -5.89 -4.55
C ALA A 22 4.48 -4.75 -4.62
N PRO A 23 4.87 -3.52 -4.22
CA PRO A 23 3.89 -2.42 -4.20
C PRO A 23 3.67 -1.81 -5.58
N LEU A 24 3.01 -2.57 -6.46
CA LEU A 24 2.86 -2.21 -7.87
C LEU A 24 1.41 -2.33 -8.31
N PRO A 25 0.92 -1.42 -9.16
CA PRO A 25 -0.45 -1.54 -9.68
C PRO A 25 -0.64 -2.81 -10.51
N ILE A 26 -1.86 -3.32 -10.47
CA ILE A 26 -2.25 -4.44 -11.32
CA ILE A 26 -2.23 -4.45 -11.32
C ILE A 26 -2.47 -3.95 -12.74
N SER A 27 -1.84 -4.61 -13.72
CA SER A 27 -2.00 -4.20 -15.11
C SER A 27 -2.69 -5.25 -15.98
N SER A 28 -2.79 -6.50 -15.54
CA SER A 28 -3.45 -7.52 -16.35
C SER A 28 -3.78 -8.75 -15.50
N ILE A 29 -4.65 -9.58 -16.06
CA ILE A 29 -4.96 -10.93 -15.57
C ILE A 29 -4.24 -11.93 -16.47
N GLY A 30 -3.72 -13.01 -15.90
CA GLY A 30 -2.99 -13.94 -16.73
C GLY A 30 -3.01 -15.36 -16.18
N ILE A 31 -2.40 -16.26 -16.95
CA ILE A 31 -2.23 -17.64 -16.53
C ILE A 31 -0.74 -17.92 -16.48
N SER A 32 -0.38 -19.07 -15.89
CA SER A 32 1.01 -19.43 -15.79
C SER A 32 1.50 -20.00 -17.12
N PRO A 33 2.82 -19.92 -17.37
CA PRO A 33 3.38 -20.61 -18.54
C PRO A 33 3.15 -22.11 -18.42
N ASP A 34 3.28 -22.81 -19.55
CA ASP A 34 2.94 -24.23 -19.49
C ASP A 34 4.04 -25.11 -18.92
N ASN A 35 5.19 -24.55 -18.51
CA ASN A 35 6.14 -25.29 -17.70
C ASN A 35 6.03 -24.92 -16.22
N VAL A 36 4.90 -24.33 -15.82
CA VAL A 36 4.59 -24.05 -14.42
C VAL A 36 3.19 -24.59 -14.16
N GLN A 37 3.08 -25.54 -13.22
CA GLN A 37 1.76 -25.98 -12.78
C GLN A 37 1.42 -25.47 -11.39
N SER A 38 2.26 -25.74 -10.40
CA SER A 38 2.01 -25.25 -9.04
C SER A 38 2.88 -24.03 -8.73
N VAL A 39 2.47 -23.24 -7.73
CA VAL A 39 3.28 -22.16 -7.20
C VAL A 39 3.34 -22.26 -5.69
N GLN A 40 4.32 -21.59 -5.09
CA GLN A 40 4.48 -21.63 -3.64
C GLN A 40 4.84 -20.25 -3.10
N PHE A 41 4.15 -19.22 -3.62
CA PHE A 41 4.41 -17.85 -3.17
C PHE A 41 4.19 -17.76 -1.66
N GLN A 42 5.00 -16.92 -1.01
CA GLN A 42 4.90 -16.76 0.44
C GLN A 42 4.20 -15.46 0.85
N ASN A 43 4.19 -14.45 -0.01
CA ASN A 43 3.36 -13.28 0.15
C ASN A 43 2.12 -13.39 -0.74
N GLY A 44 1.10 -12.59 -0.42
CA GLY A 44 -0.16 -12.69 -1.16
C GLY A 44 -0.94 -13.96 -0.88
N ARG A 45 -0.87 -14.48 0.34
CA ARG A 45 -1.50 -15.75 0.71
C ARG A 45 -2.46 -15.46 1.85
N CYS A 46 -3.75 -15.63 1.58
CA CYS A 46 -4.79 -15.43 2.60
C CYS A 46 -5.98 -16.31 2.25
N THR A 47 -6.47 -17.07 3.23
CA THR A 47 -7.64 -17.91 2.98
C THR A 47 -8.94 -17.10 2.95
N LEU A 48 -9.98 -17.72 2.41
CA LEU A 48 -11.25 -17.00 2.28
C LEU A 48 -11.87 -16.65 3.62
N ASP A 49 -11.52 -17.36 4.71
CA ASP A 49 -12.05 -16.98 6.02
C ASP A 49 -11.12 -16.03 6.78
N GLY A 50 -10.04 -15.55 6.16
CA GLY A 50 -9.24 -14.48 6.72
C GLY A 50 -7.96 -14.89 7.40
N ARG A 51 -7.42 -16.08 7.10
CA ARG A 51 -6.19 -16.57 7.69
C ARG A 51 -5.02 -16.18 6.78
N LEU A 52 -4.17 -15.28 7.27
CA LEU A 52 -2.92 -14.95 6.57
C LEU A 52 -1.93 -16.10 6.73
N VAL A 53 -1.27 -16.47 5.64
CA VAL A 53 -0.30 -17.55 5.72
C VAL A 53 1.00 -17.12 5.03
N GLY A 54 2.04 -17.92 5.25
CA GLY A 54 3.37 -17.53 4.76
C GLY A 54 3.86 -16.26 5.44
N THR A 55 4.49 -15.39 4.67
CA THR A 55 4.98 -14.12 5.20
C THR A 55 4.03 -12.96 4.92
N THR A 56 2.79 -13.25 4.51
CA THR A 56 1.83 -12.23 4.05
C THR A 56 1.44 -11.27 5.17
N PRO A 57 1.56 -9.96 4.95
CA PRO A 57 1.02 -8.96 5.89
C PRO A 57 -0.38 -8.50 5.49
N VAL A 58 -1.04 -7.80 6.44
CA VAL A 58 -2.34 -7.18 6.17
C VAL A 58 -2.22 -6.06 5.14
N SER A 59 -1.17 -5.25 5.25
CA SER A 59 -1.06 -3.97 4.54
C SER A 59 0.07 -3.97 3.52
N LEU A 60 -0.15 -3.23 2.42
CA LEU A 60 0.91 -3.05 1.42
C LEU A 60 2.12 -2.30 1.97
N SER A 61 1.96 -1.50 3.03
CA SER A 61 3.11 -0.80 3.60
C SER A 61 4.15 -1.75 4.19
N HIS A 62 3.84 -3.05 4.30
CA HIS A 62 4.79 -4.07 4.73
C HIS A 62 5.30 -4.95 3.59
N VAL A 63 4.80 -4.79 2.36
CA VAL A 63 5.05 -5.79 1.31
C VAL A 63 6.40 -5.54 0.62
N ALA A 64 7.21 -6.59 0.56
CA ALA A 64 8.52 -6.60 -0.10
C ALA A 64 9.49 -5.62 0.56
N LYS A 65 9.54 -5.68 1.89
CA LYS A 65 10.36 -4.78 2.69
C LYS A 65 11.23 -5.58 3.64
N ILE A 66 12.33 -4.96 4.07
CA ILE A 66 13.23 -5.57 5.05
C ILE A 66 13.59 -4.54 6.10
N ARG A 67 13.96 -5.04 7.27
CA ARG A 67 14.49 -4.19 8.32
C ARG A 67 15.60 -4.94 9.04
N GLY A 68 16.70 -4.26 9.35
CA GLY A 68 17.79 -4.96 10.00
C GLY A 68 18.94 -4.03 10.30
N THR A 69 19.92 -4.58 11.02
CA THR A 69 21.13 -3.86 11.40
C THR A 69 22.32 -4.52 10.71
N SER A 70 23.05 -3.74 9.91
CA SER A 70 24.26 -4.20 9.27
C SER A 70 25.43 -3.99 10.21
N ASN A 71 26.36 -4.95 10.22
CA ASN A 71 27.66 -4.74 10.86
C ASN A 71 28.75 -4.58 9.83
N GLY A 72 28.39 -4.38 8.55
CA GLY A 72 29.34 -4.32 7.46
C GLY A 72 29.58 -5.63 6.75
N THR A 73 29.27 -6.75 7.41
CA THR A 73 29.40 -8.08 6.82
C THR A 73 28.06 -8.78 6.63
N VAL A 74 27.18 -8.73 7.63
CA VAL A 74 25.85 -9.30 7.53
C VAL A 74 24.83 -8.27 8.00
N ILE A 75 23.59 -8.47 7.56
CA ILE A 75 22.45 -7.73 8.06
C ILE A 75 21.65 -8.71 8.93
N ASN A 76 21.50 -8.39 10.20
CA ASN A 76 20.70 -9.19 11.12
C ASN A 76 19.27 -8.66 11.10
N LEU A 77 18.33 -9.49 10.64
CA LEU A 77 16.98 -9.02 10.36
C LEU A 77 16.10 -8.98 11.60
N THR A 78 15.13 -8.06 11.58
CA THR A 78 14.03 -7.98 12.54
C THR A 78 12.72 -7.92 11.78
N GLU A 79 11.59 -7.91 12.50
CA GLU A 79 10.34 -7.52 11.88
C GLU A 79 10.40 -6.04 11.51
N LEU A 80 9.45 -5.60 10.68
CA LEU A 80 9.51 -4.24 10.17
CA LEU A 80 9.46 -4.24 10.16
C LEU A 80 9.34 -3.21 11.28
N ASP A 81 8.68 -3.56 12.39
CA ASP A 81 8.54 -2.60 13.47
C ASP A 81 9.68 -2.68 14.49
N GLY A 82 10.71 -3.48 14.20
CA GLY A 82 11.85 -3.65 15.07
C GLY A 82 11.78 -4.81 16.04
N THR A 83 10.62 -5.45 16.17
CA THR A 83 10.46 -6.64 17.00
C THR A 83 11.41 -7.75 16.54
N PRO A 84 11.94 -8.57 17.45
CA PRO A 84 12.84 -9.67 17.03
C PRO A 84 12.12 -10.72 16.20
N PHE A 85 12.89 -11.33 15.30
CA PHE A 85 12.44 -12.46 14.48
C PHE A 85 13.22 -13.70 14.88
N HIS A 86 12.52 -14.84 14.99
CA HIS A 86 13.15 -16.12 15.31
C HIS A 86 12.78 -17.17 14.28
N PRO A 87 13.66 -18.17 14.06
CA PRO A 87 13.39 -19.17 13.00
C PRO A 87 12.05 -19.88 13.12
N PHE A 88 11.55 -20.13 14.34
CA PHE A 88 10.28 -20.86 14.44
C PHE A 88 9.12 -20.08 13.82
N GLU A 89 9.26 -18.77 13.62
CA GLU A 89 8.12 -17.98 13.14
C GLU A 89 7.85 -18.16 11.65
N GLY A 90 8.85 -18.49 10.84
CA GLY A 90 8.59 -18.65 9.42
C GLY A 90 9.83 -18.69 8.56
N PRO A 91 9.67 -18.61 7.25
CA PRO A 91 10.84 -18.64 6.36
C PRO A 91 11.60 -17.32 6.33
N ALA A 92 11.01 -16.23 6.84
CA ALA A 92 11.60 -14.91 6.84
C ALA A 92 10.65 -14.01 7.63
N PRO A 93 11.07 -12.81 8.00
CA PRO A 93 10.14 -11.89 8.68
C PRO A 93 8.94 -11.57 7.79
N ILE A 94 7.84 -11.19 8.45
CA ILE A 94 6.63 -10.80 7.72
C ILE A 94 6.98 -9.75 6.67
N GLY A 95 6.47 -9.94 5.44
CA GLY A 95 6.64 -9.00 4.35
C GLY A 95 7.95 -9.10 3.58
N PHE A 96 8.89 -9.92 4.02
CA PHE A 96 10.16 -10.11 3.32
C PHE A 96 9.90 -10.50 1.86
N PRO A 97 10.68 -10.00 0.90
CA PRO A 97 10.39 -10.31 -0.51
C PRO A 97 10.44 -11.80 -0.80
N ASP A 98 9.54 -12.26 -1.68
CA ASP A 98 9.47 -13.67 -2.04
C ASP A 98 9.69 -13.90 -3.54
N LEU A 99 10.37 -12.98 -4.21
CA LEU A 99 10.63 -13.10 -5.65
C LEU A 99 11.85 -13.99 -5.87
N GLY A 100 11.63 -15.25 -6.25
CA GLY A 100 12.74 -16.07 -6.69
C GLY A 100 13.18 -15.70 -8.10
N GLY A 101 14.27 -16.33 -8.55
CA GLY A 101 14.67 -16.20 -9.95
C GLY A 101 15.09 -14.81 -10.39
N CYS A 102 15.71 -14.05 -9.51
CA CYS A 102 16.21 -12.74 -9.90
C CYS A 102 17.14 -12.24 -8.81
N ASP A 103 17.94 -11.24 -9.16
CA ASP A 103 18.62 -10.39 -8.18
C ASP A 103 17.69 -9.27 -7.75
N TRP A 104 17.74 -8.91 -6.46
CA TRP A 104 16.95 -7.79 -5.93
C TRP A 104 17.81 -6.54 -5.79
N HIS A 105 17.17 -5.40 -5.99
CA HIS A 105 17.78 -4.11 -5.70
C HIS A 105 16.84 -3.36 -4.79
N ILE A 106 17.28 -3.19 -3.54
CA ILE A 106 16.46 -2.71 -2.44
C ILE A 106 16.94 -1.32 -2.08
N ASN A 107 16.01 -0.37 -1.98
CA ASN A 107 16.33 1.00 -1.60
C ASN A 107 16.30 1.09 -0.08
N MET A 108 17.47 1.39 0.51
CA MET A 108 17.65 1.41 1.96
C MET A 108 17.66 2.84 2.48
N THR A 109 16.82 3.12 3.48
CA THR A 109 16.81 4.42 4.14
C THR A 109 16.93 4.21 5.64
N GLN A 110 17.08 5.31 6.38
CA GLN A 110 17.29 5.22 7.81
C GLN A 110 16.48 6.27 8.55
N PHE A 111 15.91 5.89 9.70
CA PHE A 111 15.28 6.87 10.56
C PHE A 111 16.37 7.74 11.19
N GLY A 112 16.27 9.05 11.00
CA GLY A 112 17.19 9.97 11.63
C GLY A 112 18.43 10.31 10.84
N HIS A 113 18.62 9.75 9.65
CA HIS A 113 19.76 10.04 8.78
CA HIS A 113 19.75 10.10 8.81
C HIS A 113 19.27 10.46 7.41
N SER A 114 20.08 11.28 6.74
CA SER A 114 19.86 11.58 5.33
C SER A 114 20.19 10.35 4.48
N SER A 115 19.79 10.41 3.21
CA SER A 115 20.29 9.61 2.10
C SER A 115 19.62 8.25 1.92
N GLN A 116 19.82 7.67 0.75
CA GLN A 116 19.35 6.34 0.41
C GLN A 116 20.52 5.57 -0.19
N THR A 117 20.43 4.24 -0.12
CA THR A 117 21.50 3.37 -0.62
C THR A 117 20.88 2.19 -1.36
N GLN A 118 21.40 1.88 -2.54
CA GLN A 118 20.94 0.70 -3.27
C GLN A 118 21.65 -0.54 -2.72
N TYR A 119 20.87 -1.50 -2.24
CA TYR A 119 21.38 -2.76 -1.70
C TYR A 119 21.13 -3.86 -2.72
N ASP A 120 22.21 -4.49 -3.19
CA ASP A 120 22.12 -5.49 -4.25
C ASP A 120 22.12 -6.88 -3.64
N VAL A 121 21.05 -7.65 -3.89
CA VAL A 121 20.83 -8.93 -3.22
C VAL A 121 20.85 -10.05 -4.25
N ASP A 122 21.87 -10.89 -4.17
CA ASP A 122 21.86 -12.20 -4.81
C ASP A 122 21.31 -13.20 -3.79
N THR A 123 20.25 -13.91 -4.15
CA THR A 123 19.59 -14.81 -3.20
C THR A 123 20.12 -16.24 -3.25
N THR A 124 21.19 -16.50 -4.01
CA THR A 124 21.68 -17.88 -4.15
C THR A 124 22.83 -18.30 -3.20
N PRO A 125 23.66 -17.40 -2.66
CA PRO A 125 24.81 -17.88 -1.87
C PRO A 125 24.43 -18.40 -0.50
N ASP A 126 25.39 -19.11 0.10
N ASP A 126 25.38 -19.12 0.12
CA ASP A 126 25.19 -19.70 1.42
CA ASP A 126 25.11 -19.70 1.42
C ASP A 126 24.99 -18.65 2.52
C ASP A 126 25.04 -18.66 2.55
N THR A 127 25.38 -17.40 2.26
CA THR A 127 25.18 -16.32 3.22
C THR A 127 23.74 -15.79 3.22
N PHE A 128 22.92 -16.15 2.24
CA PHE A 128 21.53 -15.68 2.17
C PHE A 128 20.67 -16.64 2.98
N VAL A 129 20.48 -16.34 4.26
CA VAL A 129 19.75 -17.23 5.16
C VAL A 129 18.73 -16.44 5.98
N PRO A 130 17.75 -15.78 5.34
CA PRO A 130 16.76 -15.00 6.13
C PRO A 130 15.95 -15.85 7.11
N HIS A 131 15.81 -17.16 6.87
CA HIS A 131 15.09 -18.00 7.84
C HIS A 131 15.81 -18.03 9.18
N LEU A 132 17.13 -17.87 9.18
CA LEU A 132 17.91 -17.81 10.40
C LEU A 132 18.22 -16.38 10.82
N GLY A 133 17.67 -15.39 10.12
CA GLY A 133 17.77 -14.01 10.52
C GLY A 133 18.93 -13.23 9.95
N SER A 134 19.63 -13.74 8.93
CA SER A 134 20.88 -13.14 8.47
C SER A 134 21.00 -13.20 6.95
N ILE A 135 21.37 -12.07 6.33
CA ILE A 135 21.72 -12.02 4.91
C ILE A 135 23.00 -11.19 4.73
N GLN A 136 23.75 -11.48 3.67
CA GLN A 136 25.01 -10.78 3.44
C GLN A 136 24.78 -9.28 3.24
N ALA A 137 25.67 -8.46 3.82
CA ALA A 137 25.54 -7.01 3.71
C ALA A 137 25.94 -6.49 2.32
N ASN A 138 26.82 -7.21 1.63
CA ASN A 138 27.28 -6.85 0.27
C ASN A 138 27.59 -5.35 0.15
N GLY A 139 28.36 -4.84 1.11
CA GLY A 139 28.83 -3.48 1.05
C GLY A 139 28.00 -2.45 1.78
N ILE A 140 26.87 -2.85 2.37
CA ILE A 140 26.07 -1.91 3.15
C ILE A 140 26.76 -1.66 4.49
N GLY A 141 27.06 -0.40 4.77
CA GLY A 141 27.78 -0.04 5.98
C GLY A 141 26.95 -0.20 7.24
N SER A 142 27.65 -0.22 8.36
CA SER A 142 27.00 -0.41 9.66
C SER A 142 25.90 0.61 9.90
N GLY A 143 24.81 0.15 10.51
CA GLY A 143 23.66 0.99 10.77
C GLY A 143 22.38 0.18 10.72
N ASN A 144 21.29 0.81 11.17
CA ASN A 144 19.96 0.23 11.08
C ASN A 144 19.24 0.81 9.87
N TYR A 145 18.59 -0.06 9.09
CA TYR A 145 17.97 0.35 7.84
C TYR A 145 16.59 -0.26 7.68
N VAL A 146 15.75 0.44 6.92
CA VAL A 146 14.54 -0.12 6.33
CA VAL A 146 14.55 -0.12 6.33
C VAL A 146 14.72 -0.07 4.82
N GLY A 147 14.40 -1.16 4.15
CA GLY A 147 14.54 -1.22 2.70
C GLY A 147 13.26 -1.70 2.05
N VAL A 148 12.99 -1.17 0.85
CA VAL A 148 11.88 -1.64 0.02
C VAL A 148 12.43 -2.05 -1.35
N LEU A 149 11.90 -3.16 -1.87
CA LEU A 149 12.27 -3.59 -3.22
C LEU A 149 11.97 -2.49 -4.23
N SER A 150 12.94 -2.17 -5.08
CA SER A 150 12.84 -1.08 -6.04
CA SER A 150 12.78 -1.09 -6.05
CA SER A 150 12.81 -1.08 -6.05
C SER A 150 12.83 -1.57 -7.49
N TRP A 151 13.74 -2.46 -7.84
CA TRP A 151 13.81 -3.00 -9.20
C TRP A 151 14.55 -4.34 -9.13
N ILE A 152 14.49 -5.11 -10.22
CA ILE A 152 15.10 -6.43 -10.26
C ILE A 152 15.91 -6.60 -11.54
N SER A 153 16.69 -7.68 -11.59
CA SER A 153 17.57 -7.97 -12.71
C SER A 153 17.85 -9.47 -12.74
N PRO A 154 18.48 -9.98 -13.80
CA PRO A 154 18.71 -11.42 -13.88
C PRO A 154 19.57 -11.91 -12.73
N PRO A 155 19.39 -13.16 -12.29
CA PRO A 155 20.17 -13.68 -11.17
C PRO A 155 21.66 -13.69 -11.51
N SER A 156 22.49 -13.38 -10.51
CA SER A 156 23.94 -13.45 -10.71
C SER A 156 24.40 -14.89 -10.89
N HIS A 157 23.76 -15.82 -10.21
CA HIS A 157 24.08 -17.24 -10.37
C HIS A 157 22.80 -18.05 -10.48
N PRO A 158 22.81 -19.11 -11.31
CA PRO A 158 23.89 -19.47 -12.24
C PRO A 158 23.99 -18.50 -13.42
N SER A 159 25.20 -18.26 -13.93
CA SER A 159 25.40 -17.25 -14.96
C SER A 159 24.61 -17.60 -16.21
N GLY A 160 24.07 -16.58 -16.88
CA GLY A 160 23.23 -16.77 -18.04
C GLY A 160 21.79 -17.10 -17.76
N SER A 161 21.41 -17.30 -16.50
CA SER A 161 20.01 -17.57 -16.21
C SER A 161 19.16 -16.32 -16.38
N GLN A 162 17.88 -16.52 -16.61
CA GLN A 162 16.94 -15.43 -16.89
C GLN A 162 16.08 -15.15 -15.66
N VAL A 163 15.41 -14.00 -15.71
CA VAL A 163 14.44 -13.69 -14.66
C VAL A 163 13.28 -14.67 -14.73
N ASP A 164 12.87 -15.22 -13.58
CA ASP A 164 11.74 -16.16 -13.53
C ASP A 164 10.97 -15.95 -12.22
N LEU A 165 9.94 -15.11 -12.30
CA LEU A 165 9.21 -14.68 -11.09
C LEU A 165 8.16 -15.69 -10.63
N TRP A 166 8.07 -16.87 -11.25
CA TRP A 166 7.22 -17.93 -10.73
C TRP A 166 7.87 -18.69 -9.58
N LYS A 167 9.15 -18.44 -9.29
CA LYS A 167 9.89 -19.08 -8.22
C LYS A 167 9.86 -18.25 -6.93
N ILE A 168 10.30 -18.88 -5.84
CA ILE A 168 10.55 -18.22 -4.55
C ILE A 168 12.03 -18.40 -4.23
N PRO A 169 12.59 -17.55 -3.37
CA PRO A 169 14.02 -17.65 -3.06
C PRO A 169 14.33 -18.79 -2.09
N ASN A 170 15.63 -19.06 -1.96
CA ASN A 170 16.15 -20.09 -1.06
C ASN A 170 16.35 -19.51 0.34
N TYR A 171 15.29 -19.57 1.16
CA TYR A 171 15.31 -18.87 2.46
C TYR A 171 16.23 -19.52 3.47
N GLY A 172 16.48 -20.83 3.34
CA GLY A 172 17.20 -21.59 4.33
C GLY A 172 18.68 -21.75 4.00
N SER A 173 19.37 -22.50 4.86
CA SER A 173 20.79 -22.74 4.69
C SER A 173 21.08 -23.63 3.49
N SER A 174 20.09 -24.39 3.03
CA SER A 174 20.20 -25.17 1.81
C SER A 174 18.78 -25.46 1.32
N ILE A 175 18.70 -26.02 0.11
CA ILE A 175 17.41 -26.35 -0.49
C ILE A 175 16.67 -27.42 0.29
N THR A 176 17.36 -28.16 1.17
CA THR A 176 16.74 -29.23 1.93
C THR A 176 16.27 -28.77 3.32
N GLU A 177 16.70 -27.62 3.79
CA GLU A 177 16.37 -27.19 5.15
C GLU A 177 14.88 -26.82 5.26
N ALA A 178 14.28 -27.17 6.39
CA ALA A 178 12.87 -26.92 6.65
C ALA A 178 12.70 -25.50 7.17
N THR A 179 12.05 -24.65 6.38
CA THR A 179 11.89 -23.24 6.74
C THR A 179 10.45 -22.84 7.04
N HIS A 180 9.54 -23.81 7.19
CA HIS A 180 8.12 -23.54 7.50
C HIS A 180 7.44 -22.75 6.39
N LEU A 181 7.67 -23.14 5.14
CA LEU A 181 7.02 -22.46 4.01
C LEU A 181 5.50 -22.70 4.03
N ALA A 182 4.76 -21.69 3.58
CA ALA A 182 3.36 -21.91 3.23
C ALA A 182 3.28 -22.97 2.14
N PRO A 183 2.29 -23.87 2.19
CA PRO A 183 2.24 -24.97 1.22
C PRO A 183 1.97 -24.50 -0.20
N SER A 184 2.28 -25.38 -1.15
CA SER A 184 2.08 -25.07 -2.56
C SER A 184 0.59 -24.97 -2.91
N VAL A 185 0.31 -24.25 -3.99
CA VAL A 185 -1.03 -24.10 -4.54
C VAL A 185 -1.09 -24.83 -5.87
N TYR A 186 -2.06 -25.73 -6.01
CA TYR A 186 -2.15 -26.61 -7.18
C TYR A 186 -3.45 -26.34 -7.93
N PRO A 187 -3.45 -26.45 -9.26
CA PRO A 187 -4.72 -26.33 -10.00
C PRO A 187 -5.69 -27.42 -9.60
N PRO A 188 -6.97 -27.11 -9.40
CA PRO A 188 -7.88 -28.05 -8.74
C PRO A 188 -8.48 -29.12 -9.65
N GLY A 189 -8.38 -28.97 -10.96
CA GLY A 189 -8.99 -29.92 -11.88
C GLY A 189 -10.15 -29.32 -12.65
N PHE A 190 -11.03 -30.21 -13.12
CA PHE A 190 -12.27 -29.85 -13.81
C PHE A 190 -12.01 -28.94 -15.02
N GLY A 191 -10.84 -29.05 -15.63
CA GLY A 191 -10.49 -28.15 -16.71
C GLY A 191 -10.25 -26.70 -16.30
N GLU A 192 -10.08 -26.45 -15.01
CA GLU A 192 -9.88 -25.08 -14.54
C GLU A 192 -8.40 -24.71 -14.52
N VAL A 193 -8.11 -23.42 -14.71
CA VAL A 193 -6.73 -22.94 -14.65
C VAL A 193 -6.64 -21.93 -13.52
N LEU A 194 -5.46 -21.87 -12.88
CA LEU A 194 -5.22 -20.83 -11.87
C LEU A 194 -5.11 -19.45 -12.52
N VAL A 195 -5.68 -18.45 -11.84
CA VAL A 195 -5.70 -17.07 -12.32
C VAL A 195 -4.68 -16.26 -11.52
N PHE A 196 -3.88 -15.46 -12.22
CA PHE A 196 -2.88 -14.62 -11.58
C PHE A 196 -3.11 -13.16 -11.93
N PHE A 197 -2.82 -12.30 -10.97
CA PHE A 197 -2.89 -10.86 -11.15
C PHE A 197 -1.48 -10.35 -11.40
N MET A 198 -1.28 -9.61 -12.50
CA MET A 198 0.06 -9.30 -13.01
C MET A 198 0.38 -7.81 -12.85
N SER A 199 1.66 -7.52 -12.56
CA SER A 199 2.18 -6.15 -12.49
C SER A 199 3.50 -6.02 -13.23
N LYS A 200 3.70 -4.87 -13.89
CA LYS A 200 4.98 -4.57 -14.52
C LYS A 200 6.01 -4.16 -13.46
N MET A 201 7.18 -4.80 -13.48
CA MET A 201 8.23 -4.55 -12.50
C MET A 201 9.42 -3.88 -13.16
N PRO A 202 9.92 -2.76 -12.61
CA PRO A 202 11.06 -2.08 -13.23
C PRO A 202 12.32 -2.92 -13.26
N GLY A 203 13.20 -2.59 -14.22
CA GLY A 203 14.44 -3.33 -14.43
C GLY A 203 14.72 -3.54 -15.91
N PRO A 204 15.91 -4.12 -16.26
CA PRO A 204 16.34 -4.23 -17.66
C PRO A 204 15.65 -5.32 -18.48
N GLY A 205 14.34 -5.36 -18.43
CA GLY A 205 13.59 -6.32 -19.23
C GLY A 205 12.11 -6.05 -19.08
N ALA A 206 11.32 -6.89 -19.74
CA ALA A 206 9.86 -6.75 -19.70
C ALA A 206 9.30 -7.69 -18.63
N TYR A 207 9.53 -7.30 -17.38
CA TYR A 207 9.26 -8.18 -16.25
C TYR A 207 7.80 -8.06 -15.81
N ASN A 208 7.16 -9.20 -15.58
CA ASN A 208 5.76 -9.27 -15.17
C ASN A 208 5.65 -10.16 -13.94
N LEU A 209 5.21 -9.57 -12.84
CA LEU A 209 5.17 -10.23 -11.54
C LEU A 209 3.77 -10.76 -11.28
N PRO A 210 3.60 -12.08 -11.16
CA PRO A 210 2.29 -12.67 -10.81
C PRO A 210 2.07 -12.78 -9.31
N CYS A 211 0.80 -12.63 -8.91
CA CYS A 211 0.39 -12.96 -7.54
C CYS A 211 -0.99 -13.60 -7.58
N LEU A 212 -1.39 -14.21 -6.45
CA LEU A 212 -2.64 -14.96 -6.39
C LEU A 212 -3.84 -14.12 -6.01
N LEU A 213 -3.65 -13.02 -5.27
CA LEU A 213 -4.73 -12.13 -4.84
C LEU A 213 -4.19 -10.71 -4.77
N PRO A 214 -4.95 -9.72 -5.21
CA PRO A 214 -4.55 -8.33 -4.97
C PRO A 214 -4.46 -8.04 -3.49
N GLN A 215 -3.55 -7.12 -3.13
CA GLN A 215 -3.36 -6.84 -1.70
C GLN A 215 -4.64 -6.36 -1.04
N GLU A 216 -5.48 -5.60 -1.75
CA GLU A 216 -6.70 -5.11 -1.12
C GLU A 216 -7.71 -6.22 -0.86
N TYR A 217 -7.67 -7.33 -1.62
CA TYR A 217 -8.46 -8.50 -1.27
C TYR A 217 -7.99 -9.10 0.04
N ILE A 218 -6.69 -9.06 0.30
CA ILE A 218 -6.16 -9.65 1.52
C ILE A 218 -6.62 -8.88 2.74
N SER A 219 -6.50 -7.54 2.71
CA SER A 219 -6.98 -6.78 3.85
CA SER A 219 -7.00 -6.73 3.82
C SER A 219 -8.50 -6.92 4.00
N HIS A 220 -9.24 -7.06 2.89
CA HIS A 220 -10.69 -7.26 2.97
C HIS A 220 -11.03 -8.58 3.65
N LEU A 221 -10.40 -9.68 3.20
CA LEU A 221 -10.70 -10.99 3.77
C LEU A 221 -10.28 -11.06 5.23
N ALA A 222 -9.13 -10.46 5.56
CA ALA A 222 -8.65 -10.43 6.94
C ALA A 222 -9.59 -9.67 7.86
N SER A 223 -10.19 -8.60 7.36
CA SER A 223 -11.18 -7.84 8.14
C SER A 223 -12.48 -8.60 8.28
N GLU A 224 -12.93 -9.22 7.18
CA GLU A 224 -14.27 -9.81 7.10
C GLU A 224 -14.39 -11.04 7.99
N GLN A 225 -13.33 -11.85 8.08
CA GLN A 225 -13.31 -13.04 8.94
C GLN A 225 -14.57 -13.87 8.77
N ALA A 226 -14.86 -14.24 7.51
CA ALA A 226 -16.11 -14.89 7.11
C ALA A 226 -16.46 -16.05 8.04
N PRO A 227 -17.65 -16.03 8.66
CA PRO A 227 -18.03 -17.13 9.56
C PRO A 227 -18.34 -18.41 8.84
N THR A 228 -18.80 -18.32 7.58
CA THR A 228 -19.16 -19.50 6.81
C THR A 228 -18.50 -19.40 5.44
N VAL A 229 -17.73 -20.42 5.09
CA VAL A 229 -17.09 -20.54 3.79
C VAL A 229 -17.41 -21.93 3.27
N GLY A 230 -17.98 -22.01 2.07
CA GLY A 230 -18.36 -23.28 1.46
C GLY A 230 -17.20 -23.95 0.75
N GLU A 231 -17.53 -24.91 -0.13
CA GLU A 231 -16.49 -25.65 -0.84
C GLU A 231 -15.80 -24.79 -1.89
N ALA A 232 -16.55 -23.94 -2.56
CA ALA A 232 -15.99 -23.01 -3.54
C ALA A 232 -17.00 -21.90 -3.73
N ALA A 233 -16.50 -20.70 -4.02
CA ALA A 233 -17.36 -19.55 -4.24
C ALA A 233 -17.50 -19.30 -5.74
N LEU A 234 -18.73 -19.26 -6.23
CA LEU A 234 -18.96 -18.86 -7.61
C LEU A 234 -18.93 -17.33 -7.73
N LEU A 235 -18.12 -16.84 -8.65
CA LEU A 235 -17.96 -15.41 -8.91
C LEU A 235 -18.36 -15.08 -10.34
N HIS A 236 -18.80 -13.84 -10.54
CA HIS A 236 -18.89 -13.25 -11.86
C HIS A 236 -17.90 -12.09 -11.92
N TYR A 237 -17.18 -12.00 -13.03
CA TYR A 237 -16.35 -10.82 -13.30
C TYR A 237 -17.21 -9.85 -14.11
N VAL A 238 -17.57 -8.72 -13.49
CA VAL A 238 -18.64 -7.85 -13.99
C VAL A 238 -18.05 -6.53 -14.46
N ASP A 239 -18.56 -6.03 -15.59
CA ASP A 239 -18.25 -4.66 -16.00
C ASP A 239 -19.13 -3.68 -15.25
N PRO A 240 -18.58 -2.79 -14.43
CA PRO A 240 -19.43 -2.01 -13.52
C PRO A 240 -20.35 -1.01 -14.22
N ASP A 241 -19.98 -0.54 -15.42
CA ASP A 241 -20.83 0.42 -16.11
C ASP A 241 -22.05 -0.26 -16.74
N THR A 242 -21.85 -1.37 -17.46
CA THR A 242 -22.96 -2.03 -18.13
C THR A 242 -23.61 -3.12 -17.28
N GLY A 243 -22.93 -3.59 -16.24
CA GLY A 243 -23.46 -4.70 -15.47
C GLY A 243 -23.33 -6.04 -16.14
N ARG A 244 -22.68 -6.09 -17.31
CA ARG A 244 -22.54 -7.35 -18.03
C ARG A 244 -21.57 -8.29 -17.32
N ASN A 245 -21.91 -9.57 -17.32
CA ASN A 245 -21.06 -10.62 -16.78
C ASN A 245 -20.04 -11.02 -17.86
N LEU A 246 -18.76 -10.77 -17.59
CA LEU A 246 -17.72 -11.09 -18.55
C LEU A 246 -17.19 -12.51 -18.39
N GLY A 247 -17.62 -13.24 -17.37
CA GLY A 247 -17.14 -14.60 -17.18
C GLY A 247 -17.29 -15.14 -15.77
N GLU A 248 -17.53 -16.45 -15.66
CA GLU A 248 -17.66 -17.14 -14.38
C GLU A 248 -16.29 -17.56 -13.86
N PHE A 249 -16.09 -17.40 -12.54
CA PHE A 249 -14.87 -17.83 -11.87
C PHE A 249 -15.24 -18.57 -10.59
N LYS A 250 -14.30 -19.36 -10.07
CA LYS A 250 -14.45 -19.93 -8.74
C LYS A 250 -13.31 -19.44 -7.85
N ALA A 251 -13.62 -19.11 -6.60
CA ALA A 251 -12.61 -18.86 -5.59
C ALA A 251 -12.59 -20.02 -4.61
N TYR A 252 -11.41 -20.51 -4.31
CA TYR A 252 -11.30 -21.66 -3.42
C TYR A 252 -10.90 -21.24 -2.01
N PRO A 253 -11.30 -22.03 -1.00
CA PRO A 253 -11.00 -21.66 0.39
C PRO A 253 -9.54 -21.33 0.69
N ASP A 254 -8.57 -21.96 0.03
CA ASP A 254 -7.18 -21.68 0.35
C ASP A 254 -6.70 -20.32 -0.18
N GLY A 255 -7.51 -19.63 -0.98
CA GLY A 255 -7.23 -18.26 -1.33
C GLY A 255 -6.71 -18.03 -2.74
N PHE A 256 -7.36 -18.67 -3.72
CA PHE A 256 -6.97 -18.48 -5.11
C PHE A 256 -8.20 -18.58 -5.99
N LEU A 257 -8.10 -18.05 -7.21
CA LEU A 257 -9.19 -18.01 -8.17
C LEU A 257 -8.88 -18.89 -9.39
N THR A 258 -9.94 -19.40 -10.02
CA THR A 258 -9.80 -20.18 -11.25
C THR A 258 -10.91 -19.82 -12.24
N CYS A 259 -10.68 -20.19 -13.50
CA CYS A 259 -11.75 -20.16 -14.49
C CYS A 259 -11.47 -21.26 -15.51
N VAL A 260 -12.41 -21.43 -16.43
CA VAL A 260 -12.25 -22.34 -17.56
C VAL A 260 -11.98 -21.51 -18.80
N PRO A 261 -10.82 -21.63 -19.42
CA PRO A 261 -10.50 -20.78 -20.58
C PRO A 261 -11.30 -21.17 -21.81
N ASN A 262 -11.02 -20.50 -22.92
CA ASN A 262 -11.43 -21.00 -24.24
C ASN A 262 -10.28 -20.84 -25.27
N GLY A 263 -9.74 -19.63 -25.50
CA GLY A 263 -10.09 -18.39 -24.84
C GLY A 263 -9.51 -17.15 -25.52
CA GLY A 267 -8.97 -17.19 -21.72
C GLY A 267 -8.97 -15.82 -21.05
N PRO A 268 -8.62 -15.78 -19.76
CA PRO A 268 -8.62 -14.54 -18.99
C PRO A 268 -7.56 -13.51 -19.42
N GLN A 269 -6.51 -13.94 -20.11
CA GLN A 269 -5.47 -13.00 -20.55
C GLN A 269 -6.04 -11.86 -21.37
N GLN A 270 -7.13 -12.13 -22.10
CA GLN A 270 -7.72 -11.15 -22.98
C GLN A 270 -8.73 -10.24 -22.29
N LEU A 271 -9.12 -10.54 -21.05
CA LEU A 271 -10.15 -9.77 -20.37
C LEU A 271 -9.63 -8.38 -20.00
N PRO A 272 -10.50 -7.37 -20.07
CA PRO A 272 -10.12 -6.05 -19.61
C PRO A 272 -9.92 -6.05 -18.10
N ILE A 273 -9.20 -5.06 -17.60
CA ILE A 273 -8.84 -5.03 -16.19
C ILE A 273 -9.70 -4.07 -15.39
N ASN A 274 -10.74 -3.50 -16.00
CA ASN A 274 -11.63 -2.58 -15.30
C ASN A 274 -12.85 -3.26 -14.67
N GLY A 275 -12.88 -4.59 -14.61
CA GLY A 275 -14.01 -5.27 -14.01
C GLY A 275 -13.90 -5.48 -12.50
N VAL A 276 -15.01 -5.91 -11.91
CA VAL A 276 -15.12 -6.21 -10.48
C VAL A 276 -15.50 -7.68 -10.32
N PHE A 277 -14.83 -8.39 -9.41
CA PHE A 277 -15.28 -9.74 -9.04
C PHE A 277 -16.39 -9.66 -8.00
N VAL A 278 -17.50 -10.33 -8.29
CA VAL A 278 -18.70 -10.28 -7.46
C VAL A 278 -19.04 -11.69 -7.00
N PHE A 279 -19.22 -11.85 -5.69
CA PHE A 279 -19.67 -13.13 -5.15
C PHE A 279 -21.11 -13.39 -5.59
N VAL A 280 -21.36 -14.60 -6.09
CA VAL A 280 -22.70 -15.04 -6.48
C VAL A 280 -23.28 -16.03 -5.46
N SER A 281 -22.60 -17.16 -5.23
CA SER A 281 -23.11 -18.15 -4.28
C SER A 281 -22.02 -19.17 -3.99
N TRP A 282 -22.23 -19.91 -2.90
CA TRP A 282 -21.41 -21.08 -2.60
C TRP A 282 -21.85 -22.25 -3.46
N VAL A 283 -20.87 -22.91 -4.11
CA VAL A 283 -21.13 -24.07 -4.95
C VAL A 283 -20.23 -25.22 -4.51
N SER A 284 -20.49 -26.40 -5.05
CA SER A 284 -19.65 -27.54 -4.71
C SER A 284 -18.28 -27.41 -5.38
N ARG A 285 -17.31 -28.13 -4.82
CA ARG A 285 -15.95 -28.08 -5.35
C ARG A 285 -15.89 -28.48 -6.82
N PHE A 286 -16.79 -29.36 -7.27
CA PHE A 286 -16.78 -29.85 -8.64
C PHE A 286 -17.75 -29.12 -9.56
N TYR A 287 -18.29 -27.98 -9.13
CA TYR A 287 -19.20 -27.21 -9.98
C TYR A 287 -18.50 -26.83 -11.29
N GLN A 288 -19.15 -27.10 -12.42
CA GLN A 288 -18.50 -26.97 -13.72
C GLN A 288 -18.80 -25.57 -14.29
N LEU A 289 -17.74 -24.82 -14.58
CA LEU A 289 -17.89 -23.45 -15.06
C LEU A 289 -18.07 -23.41 -16.57
N LYS A 290 -18.86 -22.44 -17.02
CA LYS A 290 -18.90 -22.13 -18.44
C LYS A 290 -17.59 -21.46 -18.84
N PRO A 291 -17.01 -21.83 -19.98
CA PRO A 291 -15.76 -21.20 -20.42
C PRO A 291 -15.89 -19.70 -20.54
N VAL A 292 -14.77 -19.00 -20.27
CA VAL A 292 -14.80 -17.55 -20.12
C VAL A 292 -15.27 -16.87 -21.40
N GLY A 293 -16.29 -16.03 -21.28
CA GLY A 293 -16.87 -15.36 -22.43
C GLY A 293 -18.18 -15.98 -22.84
N THR A 294 -18.23 -17.31 -22.85
CA THR A 294 -19.46 -18.05 -23.13
C THR A 294 -20.42 -17.86 -21.94
N ALA A 295 -21.75 -18.02 -22.05
CA ALA A 295 -22.58 -18.50 -23.18
C ALA A 295 -22.29 -19.97 -23.50
N ARG B 5 -27.96 -3.65 5.88
CA ARG B 5 -26.64 -3.92 6.46
C ARG B 5 -26.04 -2.66 7.06
N PRO B 6 -25.64 -2.73 8.33
CA PRO B 6 -25.12 -1.53 9.00
C PRO B 6 -23.74 -1.12 8.53
N PHE B 7 -23.44 0.15 8.76
CA PHE B 7 -22.15 0.74 8.41
C PHE B 7 -21.02 0.01 9.14
N THR B 8 -19.86 -0.12 8.48
CA THR B 8 -18.70 -0.74 9.12
C THR B 8 -17.40 0.02 8.82
N LEU B 9 -16.45 -0.10 9.74
CA LEU B 9 -15.05 0.18 9.51
C LEU B 9 -14.26 -1.13 9.50
N PRO B 10 -13.04 -1.14 8.96
CA PRO B 10 -12.26 -2.39 8.91
C PRO B 10 -12.03 -2.98 10.30
N ASN B 11 -12.20 -4.29 10.41
CA ASN B 11 -11.94 -5.00 11.68
C ASN B 11 -10.47 -5.45 11.72
N LEU B 12 -9.58 -4.45 11.84
CA LEU B 12 -8.12 -4.61 11.76
C LEU B 12 -7.46 -3.65 12.75
N PRO B 13 -6.43 -4.08 13.48
CA PRO B 13 -5.78 -3.16 14.44
C PRO B 13 -4.97 -2.10 13.71
N LEU B 14 -4.90 -0.91 14.32
CA LEU B 14 -4.26 0.22 13.65
C LEU B 14 -2.81 -0.07 13.29
N SER B 15 -2.10 -0.78 14.17
CA SER B 15 -0.69 -1.08 13.94
C SER B 15 -0.45 -1.96 12.72
N SER B 16 -1.47 -2.56 12.15
CA SER B 16 -1.30 -3.35 10.93
CA SER B 16 -1.31 -3.34 10.93
C SER B 16 -1.59 -2.56 9.66
N LEU B 17 -1.92 -1.27 9.78
CA LEU B 17 -2.39 -0.48 8.64
C LEU B 17 -1.33 0.53 8.18
N SER B 18 -1.65 1.24 7.10
CA SER B 18 -0.71 2.15 6.45
C SER B 18 -1.19 3.59 6.51
N ASN B 19 -0.23 4.51 6.53
CA ASN B 19 -0.51 5.91 6.25
C ASN B 19 -1.12 6.06 4.85
N SER B 20 -1.91 7.12 4.67
CA SER B 20 -2.48 7.42 3.35
C SER B 20 -1.76 8.54 2.61
N ARG B 21 -0.71 9.13 3.20
CA ARG B 21 0.09 10.15 2.50
C ARG B 21 1.48 9.66 2.10
N ALA B 22 1.87 8.46 2.53
CA ALA B 22 3.10 7.80 2.10
C ALA B 22 3.00 6.33 2.46
N PRO B 23 3.72 5.45 1.77
CA PRO B 23 3.56 4.01 2.04
C PRO B 23 4.31 3.57 3.29
N LEU B 24 3.82 4.00 4.46
CA LEU B 24 4.51 3.79 5.73
C LEU B 24 3.55 3.19 6.76
N PRO B 25 4.02 2.26 7.60
CA PRO B 25 3.15 1.73 8.67
C PRO B 25 2.71 2.81 9.65
N ILE B 26 1.50 2.66 10.19
CA ILE B 26 1.02 3.52 11.28
C ILE B 26 1.76 3.16 12.56
N SER B 27 2.30 4.18 13.25
CA SER B 27 3.01 3.93 14.50
C SER B 27 2.37 4.60 15.71
N SER B 28 1.47 5.57 15.53
CA SER B 28 0.83 6.20 16.68
C SER B 28 -0.40 6.96 16.22
N ILE B 29 -1.24 7.33 17.19
CA ILE B 29 -2.33 8.28 17.04
C ILE B 29 -1.84 9.63 17.56
N GLY B 30 -2.30 10.71 16.93
CA GLY B 30 -1.82 12.03 17.32
C GLY B 30 -2.87 13.10 17.19
N ILE B 31 -2.56 14.27 17.75
CA ILE B 31 -3.34 15.48 17.51
C ILE B 31 -2.39 16.52 16.94
N SER B 32 -2.97 17.57 16.38
CA SER B 32 -2.15 18.57 15.72
C SER B 32 -1.57 19.53 16.77
N PRO B 33 -0.48 20.22 16.42
CA PRO B 33 0.00 21.32 17.26
C PRO B 33 -1.08 22.37 17.48
N ASP B 34 -0.87 23.18 18.54
CA ASP B 34 -1.87 24.18 18.91
C ASP B 34 -2.10 25.21 17.80
N ASN B 35 -1.06 25.55 17.03
CA ASN B 35 -1.18 26.55 15.98
CA ASN B 35 -1.21 26.55 15.98
C ASN B 35 -1.65 25.97 14.64
N VAL B 36 -2.06 24.69 14.61
CA VAL B 36 -2.68 24.09 13.44
C VAL B 36 -4.15 23.86 13.78
N GLN B 37 -5.04 24.55 13.09
CA GLN B 37 -6.45 24.26 13.31
C GLN B 37 -6.95 23.38 12.18
N SER B 38 -7.02 23.93 10.98
CA SER B 38 -7.50 23.17 9.84
C SER B 38 -6.34 22.51 9.10
N VAL B 39 -6.66 21.48 8.32
CA VAL B 39 -5.71 20.89 7.38
C VAL B 39 -6.37 20.79 6.01
N GLN B 40 -5.55 20.65 4.99
CA GLN B 40 -6.05 20.60 3.62
C GLN B 40 -5.31 19.52 2.83
N PHE B 41 -5.04 18.39 3.48
CA PHE B 41 -4.36 17.27 2.79
C PHE B 41 -5.12 16.91 1.53
N GLN B 42 -4.37 16.52 0.49
CA GLN B 42 -5.00 16.13 -0.78
C GLN B 42 -5.05 14.62 -0.98
N ASN B 43 -4.17 13.89 -0.30
CA ASN B 43 -4.26 12.44 -0.22
C ASN B 43 -4.87 12.02 1.11
N GLY B 44 -5.33 10.78 1.18
CA GLY B 44 -6.04 10.30 2.35
C GLY B 44 -7.37 10.97 2.60
N ARG B 45 -8.10 11.33 1.53
CA ARG B 45 -9.39 12.02 1.64
C ARG B 45 -10.47 11.13 1.04
N CYS B 46 -11.39 10.68 1.88
CA CYS B 46 -12.51 9.84 1.42
C CYS B 46 -13.69 10.07 2.36
N THR B 47 -14.87 10.33 1.80
CA THR B 47 -16.06 10.52 2.63
C THR B 47 -16.55 9.17 3.16
N LEU B 48 -17.45 9.22 4.15
CA LEU B 48 -17.95 7.97 4.71
C LEU B 48 -18.81 7.18 3.72
N ASP B 49 -19.39 7.84 2.70
CA ASP B 49 -20.17 7.09 1.71
C ASP B 49 -19.32 6.64 0.53
N GLY B 50 -18.01 6.85 0.57
CA GLY B 50 -17.13 6.27 -0.42
C GLY B 50 -16.68 7.19 -1.55
N ARG B 51 -16.76 8.50 -1.37
CA ARG B 51 -16.31 9.45 -2.39
C ARG B 51 -14.85 9.81 -2.15
N LEU B 52 -13.97 9.44 -3.08
CA LEU B 52 -12.58 9.86 -3.01
C LEU B 52 -12.48 11.31 -3.45
N VAL B 53 -11.68 12.11 -2.74
CA VAL B 53 -11.51 13.50 -3.16
C VAL B 53 -10.03 13.89 -3.14
N GLY B 54 -9.75 15.04 -3.75
CA GLY B 54 -8.38 15.48 -3.93
C GLY B 54 -7.65 14.55 -4.89
N THR B 55 -6.40 14.23 -4.56
CA THR B 55 -5.61 13.32 -5.39
C THR B 55 -5.62 11.89 -4.85
N THR B 56 -6.51 11.60 -3.91
CA THR B 56 -6.53 10.29 -3.24
C THR B 56 -6.79 9.13 -4.19
N PRO B 57 -5.95 8.09 -4.17
CA PRO B 57 -6.24 6.84 -4.90
C PRO B 57 -6.89 5.77 -4.02
N VAL B 58 -7.43 4.72 -4.64
CA VAL B 58 -7.96 3.59 -3.88
C VAL B 58 -6.84 2.82 -3.17
N SER B 59 -5.69 2.67 -3.82
CA SER B 59 -4.64 1.73 -3.41
C SER B 59 -3.35 2.42 -3.01
N LEU B 60 -2.70 1.88 -1.98
CA LEU B 60 -1.39 2.36 -1.58
C LEU B 60 -0.33 2.24 -2.68
N SER B 61 -0.53 1.35 -3.67
CA SER B 61 0.44 1.28 -4.77
C SER B 61 0.47 2.54 -5.62
N HIS B 62 -0.46 3.47 -5.42
CA HIS B 62 -0.43 4.76 -6.10
C HIS B 62 -0.02 5.92 -5.20
N VAL B 63 0.19 5.71 -3.89
CA VAL B 63 0.33 6.82 -2.95
C VAL B 63 1.76 7.37 -2.98
N ALA B 64 1.87 8.70 -3.10
CA ALA B 64 3.13 9.43 -3.09
C ALA B 64 4.06 8.96 -4.20
N LYS B 65 3.49 8.83 -5.40
CA LYS B 65 4.24 8.42 -6.57
C LYS B 65 4.08 9.44 -7.68
N ILE B 66 5.05 9.45 -8.60
CA ILE B 66 5.00 10.31 -9.77
C ILE B 66 5.34 9.47 -10.99
N ARG B 67 4.90 9.95 -12.15
CA ARG B 67 5.27 9.35 -13.42
C ARG B 67 5.41 10.46 -14.45
N GLY B 68 6.47 10.41 -15.25
CA GLY B 68 6.58 11.40 -16.31
C GLY B 68 7.84 11.20 -17.12
N THR B 69 8.00 12.06 -18.11
CA THR B 69 9.13 12.02 -19.04
C THR B 69 9.99 13.27 -18.84
N SER B 70 11.27 13.06 -18.54
CA SER B 70 12.22 14.16 -18.44
C SER B 70 12.78 14.47 -19.81
N ASN B 71 13.00 15.75 -20.08
CA ASN B 71 13.81 16.16 -21.23
C ASN B 71 15.15 16.74 -20.80
N GLY B 72 15.52 16.58 -19.53
CA GLY B 72 16.73 17.15 -18.98
C GLY B 72 16.53 18.46 -18.25
N THR B 73 15.44 19.15 -18.53
CA THR B 73 15.12 20.43 -17.90
C THR B 73 13.83 20.38 -17.09
N VAL B 74 12.78 19.77 -17.62
CA VAL B 74 11.52 19.61 -16.91
C VAL B 74 11.09 18.15 -17.02
N ILE B 75 10.24 17.74 -16.09
CA ILE B 75 9.54 16.46 -16.16
C ILE B 75 8.08 16.76 -16.47
N ASN B 76 7.60 16.23 -17.59
CA ASN B 76 6.21 16.38 -18.00
C ASN B 76 5.43 15.20 -17.43
N LEU B 77 4.50 15.47 -16.53
CA LEU B 77 3.83 14.44 -15.75
C LEU B 77 2.68 13.79 -16.50
N THR B 78 2.42 12.53 -16.18
CA THR B 78 1.21 11.81 -16.57
C THR B 78 0.60 11.16 -15.32
N GLU B 79 -0.56 10.51 -15.50
CA GLU B 79 -1.03 9.58 -14.49
C GLU B 79 -0.05 8.41 -14.36
N LEU B 80 -0.18 7.66 -13.26
CA LEU B 80 0.80 6.62 -12.99
CA LEU B 80 0.77 6.59 -12.97
C LEU B 80 0.76 5.50 -14.04
N ASP B 81 -0.39 5.27 -14.68
CA ASP B 81 -0.43 4.26 -15.74
C ASP B 81 -0.04 4.80 -17.11
N GLY B 82 0.36 6.07 -17.21
CA GLY B 82 0.78 6.66 -18.46
C GLY B 82 -0.27 7.52 -19.15
N THR B 83 -1.53 7.47 -18.70
CA THR B 83 -2.60 8.27 -19.28
CA THR B 83 -2.54 8.27 -19.36
C THR B 83 -2.29 9.76 -19.12
N PRO B 84 -2.69 10.61 -20.06
CA PRO B 84 -2.42 12.04 -19.92
C PRO B 84 -3.15 12.66 -18.72
N PHE B 85 -2.50 13.67 -18.15
CA PHE B 85 -3.08 14.49 -17.08
C PHE B 85 -3.33 15.89 -17.63
N HIS B 86 -4.47 16.48 -17.27
CA HIS B 86 -4.80 17.83 -17.70
C HIS B 86 -5.17 18.68 -16.48
N PRO B 87 -4.91 19.98 -16.52
CA PRO B 87 -5.18 20.84 -15.34
C PRO B 87 -6.60 20.74 -14.80
N PHE B 88 -7.61 20.53 -15.66
CA PHE B 88 -8.97 20.50 -15.12
C PHE B 88 -9.19 19.33 -14.15
N GLU B 89 -8.32 18.32 -14.20
CA GLU B 89 -8.53 17.13 -13.38
C GLU B 89 -8.20 17.32 -11.90
N GLY B 90 -7.38 18.30 -11.54
CA GLY B 90 -7.02 18.44 -10.15
C GLY B 90 -5.74 19.21 -9.93
N PRO B 91 -5.28 19.27 -8.67
CA PRO B 91 -4.02 20.00 -8.40
C PRO B 91 -2.78 19.27 -8.87
N ALA B 92 -2.87 17.98 -9.14
CA ALA B 92 -1.75 17.16 -9.59
C ALA B 92 -2.33 15.81 -10.00
N PRO B 93 -1.56 14.94 -10.69
CA PRO B 93 -2.08 13.59 -10.98
C PRO B 93 -2.42 12.83 -9.70
N ILE B 94 -3.33 11.87 -9.85
CA ILE B 94 -3.72 11.04 -8.71
C ILE B 94 -2.48 10.43 -8.05
N GLY B 95 -2.45 10.46 -6.72
CA GLY B 95 -1.36 9.90 -5.92
C GLY B 95 -0.13 10.78 -5.77
N PHE B 96 -0.04 11.90 -6.48
CA PHE B 96 1.11 12.79 -6.37
C PHE B 96 1.34 13.17 -4.92
N PRO B 97 2.58 13.23 -4.44
CA PRO B 97 2.80 13.54 -3.01
C PRO B 97 2.19 14.89 -2.62
N ASP B 98 1.69 14.96 -1.37
CA ASP B 98 1.05 16.18 -0.87
C ASP B 98 1.73 16.67 0.41
N LEU B 99 3.01 16.36 0.59
CA LEU B 99 3.75 16.75 1.79
C LEU B 99 4.33 18.15 1.57
N GLY B 100 3.72 19.14 2.18
CA GLY B 100 4.31 20.45 2.23
C GLY B 100 5.39 20.55 3.30
N GLY B 101 6.03 21.71 3.34
CA GLY B 101 6.97 21.98 4.43
C GLY B 101 8.19 21.07 4.47
N CYS B 102 8.69 20.61 3.32
CA CYS B 102 9.91 19.80 3.26
C CYS B 102 10.41 19.71 1.82
N ASP B 103 11.67 19.29 1.66
CA ASP B 103 12.21 18.83 0.38
C ASP B 103 11.89 17.33 0.25
N TRP B 104 11.57 16.90 -0.97
CA TRP B 104 11.31 15.49 -1.23
C TRP B 104 12.53 14.82 -1.86
N HIS B 105 12.71 13.54 -1.56
CA HIS B 105 13.70 12.72 -2.26
C HIS B 105 12.98 11.48 -2.75
N ILE B 106 12.87 11.39 -4.08
CA ILE B 106 12.04 10.43 -4.78
C ILE B 106 12.95 9.43 -5.48
N ASN B 107 12.69 8.13 -5.29
CA ASN B 107 13.50 7.10 -5.92
C ASN B 107 12.90 6.80 -7.30
N MET B 108 13.66 7.08 -8.36
CA MET B 108 13.19 6.96 -9.74
C MET B 108 13.71 5.69 -10.39
N THR B 109 12.81 4.87 -10.95
CA THR B 109 13.16 3.67 -11.70
C THR B 109 12.52 3.75 -13.08
N GLN B 110 12.85 2.77 -13.94
CA GLN B 110 12.40 2.79 -15.34
C GLN B 110 12.01 1.39 -15.80
N PHE B 111 10.92 1.31 -16.56
CA PHE B 111 10.55 0.04 -17.17
C PHE B 111 11.48 -0.24 -18.34
N GLY B 112 12.18 -1.37 -18.31
CA GLY B 112 13.07 -1.73 -19.39
C GLY B 112 14.51 -1.30 -19.24
N HIS B 113 14.87 -0.61 -18.15
CA HIS B 113 16.23 -0.17 -17.91
C HIS B 113 16.66 -0.53 -16.50
N SER B 114 17.97 -0.73 -16.33
CA SER B 114 18.57 -0.90 -15.00
C SER B 114 18.59 0.43 -14.24
N SER B 115 18.83 0.32 -12.93
CA SER B 115 19.30 1.39 -12.06
C SER B 115 18.18 2.21 -11.41
N GLN B 116 18.51 2.88 -10.32
CA GLN B 116 17.62 3.83 -9.67
C GLN B 116 18.37 5.15 -9.53
N THR B 117 17.61 6.25 -9.43
CA THR B 117 18.20 7.58 -9.30
C THR B 117 17.43 8.38 -8.25
N GLN B 118 18.17 9.08 -7.38
CA GLN B 118 17.55 9.94 -6.37
C GLN B 118 17.20 11.28 -6.99
N TYR B 119 15.92 11.64 -6.95
CA TYR B 119 15.41 12.89 -7.51
C TYR B 119 15.05 13.82 -6.36
N ASP B 120 15.73 14.97 -6.30
CA ASP B 120 15.61 15.93 -5.20
C ASP B 120 14.66 17.04 -5.60
N VAL B 121 13.57 17.21 -4.83
CA VAL B 121 12.48 18.11 -5.20
C VAL B 121 12.35 19.21 -4.17
N ASP B 122 12.67 20.43 -4.57
CA ASP B 122 12.26 21.64 -3.86
C ASP B 122 10.89 22.05 -4.40
N THR B 123 9.88 22.13 -3.54
CA THR B 123 8.51 22.41 -4.00
C THR B 123 8.19 23.91 -4.02
N THR B 124 9.16 24.79 -3.76
CA THR B 124 8.90 26.22 -3.70
C THR B 124 9.16 27.03 -4.99
N PRO B 125 10.02 26.62 -5.92
CA PRO B 125 10.33 27.51 -7.05
C PRO B 125 9.20 27.61 -8.07
N ASP B 126 9.34 28.63 -8.94
CA ASP B 126 8.33 28.86 -9.96
CA ASP B 126 8.35 28.87 -9.98
C ASP B 126 8.26 27.74 -11.00
N THR B 127 9.25 26.86 -11.05
CA THR B 127 9.24 25.72 -11.95
C THR B 127 8.45 24.53 -11.41
N PHE B 128 8.02 24.57 -10.15
CA PHE B 128 7.27 23.44 -9.56
C PHE B 128 5.79 23.72 -9.80
N VAL B 129 5.25 23.21 -10.92
CA VAL B 129 3.87 23.48 -11.28
C VAL B 129 3.16 22.19 -11.68
N PRO B 130 3.03 21.22 -10.76
CA PRO B 130 2.39 19.94 -11.15
C PRO B 130 0.93 20.11 -11.55
N HIS B 131 0.25 21.18 -11.12
CA HIS B 131 -1.11 21.41 -11.59
C HIS B 131 -1.14 21.66 -13.10
N LEU B 132 -0.09 22.25 -13.65
CA LEU B 132 0.06 22.40 -15.09
C LEU B 132 0.86 21.27 -15.72
N GLY B 133 1.16 20.22 -14.96
CA GLY B 133 1.79 19.03 -15.51
C GLY B 133 3.30 19.06 -15.65
N SER B 134 3.99 19.99 -14.97
CA SER B 134 5.42 20.15 -15.20
C SER B 134 6.15 20.49 -13.90
N ILE B 135 7.26 19.78 -13.63
CA ILE B 135 8.14 20.10 -12.50
C ILE B 135 9.58 20.05 -12.96
N GLN B 136 10.46 20.80 -12.27
CA GLN B 136 11.85 20.86 -12.72
C GLN B 136 12.53 19.49 -12.64
N ALA B 137 13.40 19.20 -13.62
CA ALA B 137 14.11 17.92 -13.65
C ALA B 137 15.24 17.85 -12.63
N ASN B 138 15.84 18.98 -12.28
CA ASN B 138 16.93 19.07 -11.30
C ASN B 138 17.98 17.98 -11.53
N GLY B 139 18.42 17.85 -12.77
CA GLY B 139 19.50 16.93 -13.10
C GLY B 139 19.08 15.55 -13.55
N ILE B 140 17.80 15.21 -13.49
CA ILE B 140 17.37 13.89 -13.96
C ILE B 140 17.45 13.86 -15.47
N GLY B 141 18.22 12.91 -16.00
CA GLY B 141 18.43 12.83 -17.44
C GLY B 141 17.17 12.40 -18.19
N SER B 142 17.21 12.62 -19.52
CA SER B 142 16.06 12.31 -20.38
C SER B 142 15.61 10.86 -20.22
N GLY B 143 14.31 10.66 -20.23
CA GLY B 143 13.72 9.33 -20.15
C GLY B 143 12.38 9.35 -19.45
N ASN B 144 11.71 8.20 -19.46
CA ASN B 144 10.44 8.04 -18.77
C ASN B 144 10.67 7.31 -17.46
N TYR B 145 10.08 7.82 -16.37
CA TYR B 145 10.35 7.30 -15.04
C TYR B 145 9.07 7.14 -14.22
N VAL B 146 9.11 6.20 -13.30
CA VAL B 146 8.19 6.16 -12.17
CA VAL B 146 8.18 6.15 -12.17
C VAL B 146 9.00 6.41 -10.91
N GLY B 147 8.48 7.25 -10.03
CA GLY B 147 9.16 7.56 -8.79
C GLY B 147 8.26 7.40 -7.60
N VAL B 148 8.85 7.00 -6.47
CA VAL B 148 8.12 6.91 -5.20
C VAL B 148 8.89 7.71 -4.14
N LEU B 149 8.15 8.43 -3.29
CA LEU B 149 8.80 9.18 -2.21
C LEU B 149 9.54 8.22 -1.29
N SER B 150 10.81 8.52 -1.01
CA SER B 150 11.69 7.66 -0.22
CA SER B 150 11.62 7.63 -0.18
C SER B 150 12.06 8.25 1.13
N TRP B 151 12.45 9.53 1.16
CA TRP B 151 12.79 10.20 2.41
C TRP B 151 12.65 11.71 2.19
N ILE B 152 12.67 12.48 3.29
CA ILE B 152 12.47 13.93 3.22
C ILE B 152 13.56 14.64 4.03
N SER B 153 13.61 15.95 3.88
CA SER B 153 14.60 16.77 4.58
C SER B 153 14.06 18.20 4.68
N PRO B 154 14.71 19.08 5.45
CA PRO B 154 14.17 20.43 5.62
C PRO B 154 14.10 21.17 4.29
N PRO B 155 13.13 22.08 4.15
CA PRO B 155 12.98 22.80 2.87
C PRO B 155 14.23 23.58 2.51
N SER B 156 14.56 23.58 1.23
CA SER B 156 15.69 24.39 0.77
C SER B 156 15.38 25.88 0.86
N HIS B 157 14.12 26.26 0.70
CA HIS B 157 13.68 27.65 0.81
C HIS B 157 12.37 27.71 1.59
N PRO B 158 12.20 28.71 2.46
CA PRO B 158 13.20 29.68 2.93
C PRO B 158 14.29 29.00 3.75
N SER B 159 15.51 29.54 3.68
CA SER B 159 16.64 28.93 4.37
C SER B 159 16.34 28.81 5.86
N GLY B 160 16.63 27.64 6.43
CA GLY B 160 16.46 27.42 7.86
C GLY B 160 15.05 27.10 8.32
N SER B 161 14.10 26.88 7.41
CA SER B 161 12.74 26.52 7.80
CA SER B 161 12.76 26.56 7.87
C SER B 161 12.71 25.13 8.43
N GLN B 162 11.70 24.90 9.25
CA GLN B 162 11.49 23.62 9.90
C GLN B 162 10.76 22.69 8.93
N VAL B 163 10.74 21.40 9.27
CA VAL B 163 9.91 20.41 8.58
C VAL B 163 8.51 20.50 9.20
N ASP B 164 7.50 20.79 8.38
CA ASP B 164 6.12 21.00 8.84
C ASP B 164 5.18 20.22 7.92
N LEU B 165 4.94 18.97 8.27
CA LEU B 165 4.14 18.08 7.44
C LEU B 165 2.64 18.29 7.61
N TRP B 166 2.21 19.31 8.36
CA TRP B 166 0.81 19.72 8.39
C TRP B 166 0.44 20.57 7.19
N LYS B 167 1.41 20.95 6.37
CA LYS B 167 1.23 21.74 5.16
C LYS B 167 1.10 20.87 3.91
N ILE B 168 0.63 21.49 2.83
CA ILE B 168 0.63 20.89 1.49
C ILE B 168 1.50 21.76 0.59
N PRO B 169 1.97 21.22 -0.53
CA PRO B 169 2.88 22.00 -1.40
C PRO B 169 2.13 22.98 -2.30
N ASN B 170 2.91 23.87 -2.95
CA ASN B 170 2.34 24.90 -3.82
C ASN B 170 2.19 24.34 -5.23
N TYR B 171 1.04 23.70 -5.49
CA TYR B 171 0.83 22.97 -6.74
C TYR B 171 0.77 23.88 -7.96
N GLY B 172 0.37 25.14 -7.80
CA GLY B 172 0.12 26.02 -8.91
C GLY B 172 1.30 26.91 -9.26
N SER B 173 1.08 27.79 -10.25
CA SER B 173 2.14 28.70 -10.66
C SER B 173 2.37 29.80 -9.63
N SER B 174 1.39 30.04 -8.76
CA SER B 174 1.60 30.86 -7.58
C SER B 174 0.62 30.41 -6.51
N ILE B 175 0.79 30.94 -5.30
CA ILE B 175 -0.14 30.61 -4.21
C ILE B 175 -1.55 31.10 -4.49
N THR B 176 -1.74 31.96 -5.49
CA THR B 176 -3.05 32.51 -5.79
C THR B 176 -3.82 31.74 -6.85
N GLU B 177 -3.16 30.89 -7.65
CA GLU B 177 -3.84 30.19 -8.73
CA GLU B 177 -3.84 30.19 -8.72
C GLU B 177 -4.78 29.13 -8.16
N ALA B 178 -5.97 29.04 -8.75
CA ALA B 178 -6.94 28.03 -8.35
C ALA B 178 -6.52 26.69 -8.95
N THR B 179 -6.26 25.70 -8.09
CA THR B 179 -5.80 24.40 -8.57
C THR B 179 -6.79 23.27 -8.29
N HIS B 180 -8.03 23.59 -7.92
CA HIS B 180 -9.06 22.57 -7.65
C HIS B 180 -8.70 21.70 -6.44
N LEU B 181 -8.18 22.33 -5.39
CA LEU B 181 -7.87 21.62 -4.16
C LEU B 181 -9.13 21.07 -3.51
N ALA B 182 -9.02 19.88 -2.93
CA ALA B 182 -10.04 19.44 -1.99
C ALA B 182 -10.12 20.44 -0.85
N PRO B 183 -11.31 20.74 -0.33
CA PRO B 183 -11.45 21.78 0.69
C PRO B 183 -10.82 21.41 2.03
N SER B 184 -10.60 22.43 2.85
CA SER B 184 -10.01 22.25 4.17
C SER B 184 -10.95 21.47 5.09
N VAL B 185 -10.34 20.85 6.11
CA VAL B 185 -11.06 20.11 7.14
C VAL B 185 -10.84 20.85 8.47
N TYR B 186 -11.93 21.14 9.18
CA TYR B 186 -11.87 21.95 10.40
C TYR B 186 -12.35 21.17 11.62
N PRO B 187 -11.77 21.44 12.79
CA PRO B 187 -12.35 20.94 14.05
C PRO B 187 -13.79 21.40 14.16
N PRO B 188 -14.71 20.52 14.56
CA PRO B 188 -16.14 20.85 14.47
C PRO B 188 -16.71 21.57 15.68
N GLY B 189 -15.99 21.64 16.79
CA GLY B 189 -16.46 22.28 18.00
C GLY B 189 -16.75 21.27 19.10
N PHE B 190 -17.54 21.73 20.08
CA PHE B 190 -18.00 20.89 21.20
C PHE B 190 -16.84 20.29 21.99
N GLY B 191 -15.72 21.00 22.04
CA GLY B 191 -14.51 20.50 22.69
C GLY B 191 -13.74 19.45 21.93
N GLU B 192 -14.13 19.15 20.69
CA GLU B 192 -13.51 18.07 19.94
C GLU B 192 -12.29 18.56 19.17
N VAL B 193 -11.31 17.66 19.00
CA VAL B 193 -10.15 17.95 18.16
C VAL B 193 -10.06 16.85 17.11
N LEU B 194 -9.40 17.19 16.01
CA LEU B 194 -9.15 16.22 14.96
C LEU B 194 -8.14 15.17 15.43
N VAL B 195 -8.37 13.92 14.99
CA VAL B 195 -7.50 12.79 15.33
C VAL B 195 -6.72 12.42 14.07
N PHE B 196 -5.41 12.19 14.21
CA PHE B 196 -4.54 11.89 13.08
C PHE B 196 -3.81 10.58 13.29
N PHE B 197 -3.58 9.87 12.20
CA PHE B 197 -2.81 8.63 12.22
C PHE B 197 -1.39 8.93 11.73
N MET B 198 -0.39 8.58 12.53
CA MET B 198 0.98 9.08 12.36
C MET B 198 1.91 7.96 11.93
N SER B 199 2.87 8.29 11.07
CA SER B 199 3.92 7.37 10.65
C SER B 199 5.30 8.03 10.76
N LYS B 200 6.30 7.23 11.15
CA LYS B 200 7.68 7.71 11.11
C LYS B 200 8.19 7.74 9.67
N MET B 201 8.74 8.88 9.26
CA MET B 201 9.27 9.08 7.91
C MET B 201 10.79 9.19 7.92
N PRO B 202 11.49 8.44 7.08
CA PRO B 202 12.97 8.52 7.03
C PRO B 202 13.48 9.90 6.62
N GLY B 203 14.70 10.21 7.06
CA GLY B 203 15.30 11.51 6.85
C GLY B 203 16.06 11.97 8.07
N PRO B 204 16.78 13.11 7.97
CA PRO B 204 17.69 13.53 9.05
C PRO B 204 17.01 14.21 10.25
N GLY B 205 15.91 13.66 10.72
CA GLY B 205 15.18 14.21 11.84
C GLY B 205 14.14 13.21 12.27
N ALA B 206 13.48 13.51 13.39
CA ALA B 206 12.42 12.64 13.91
C ALA B 206 11.09 13.11 13.30
N TYR B 207 10.87 12.70 12.05
CA TYR B 207 9.72 13.19 11.29
C TYR B 207 8.52 12.28 11.49
N ASN B 208 7.36 12.88 11.75
CA ASN B 208 6.12 12.17 11.99
CA ASN B 208 6.12 12.16 11.97
C ASN B 208 5.07 12.69 11.01
N LEU B 209 4.60 11.83 10.10
CA LEU B 209 3.69 12.21 9.03
C LEU B 209 2.24 11.93 9.43
N PRO B 210 1.36 12.93 9.52
CA PRO B 210 -0.03 12.70 9.91
C PRO B 210 -0.93 12.52 8.70
N CYS B 211 -1.99 11.71 8.88
CA CYS B 211 -3.04 11.61 7.88
C CYS B 211 -4.40 11.48 8.57
N LEU B 212 -5.48 11.71 7.81
CA LEU B 212 -6.81 11.71 8.39
C LEU B 212 -7.39 10.30 8.52
N LEU B 213 -7.01 9.37 7.63
CA LEU B 213 -7.54 8.00 7.62
C LEU B 213 -6.44 7.07 7.13
N PRO B 214 -6.28 5.88 7.72
CA PRO B 214 -5.34 4.91 7.13
C PRO B 214 -5.80 4.53 5.72
N GLN B 215 -4.84 4.17 4.87
CA GLN B 215 -5.20 3.83 3.49
C GLN B 215 -6.18 2.67 3.42
N GLU B 216 -6.05 1.68 4.31
CA GLU B 216 -6.99 0.56 4.28
C GLU B 216 -8.42 0.97 4.64
N TYR B 217 -8.60 2.07 5.40
CA TYR B 217 -9.94 2.60 5.59
C TYR B 217 -10.49 3.17 4.29
N ILE B 218 -9.61 3.81 3.51
CA ILE B 218 -10.05 4.43 2.26
CA ILE B 218 -10.02 4.42 2.24
C ILE B 218 -10.57 3.37 1.30
N SER B 219 -9.81 2.27 1.11
CA SER B 219 -10.30 1.25 0.19
CA SER B 219 -10.27 1.22 0.21
C SER B 219 -11.55 0.58 0.74
N HIS B 220 -11.66 0.42 2.07
CA HIS B 220 -12.87 -0.15 2.66
C HIS B 220 -14.09 0.73 2.39
N LEU B 221 -13.97 2.04 2.63
CA LEU B 221 -15.11 2.94 2.42
C LEU B 221 -15.46 3.03 0.93
N ALA B 222 -14.45 3.06 0.06
CA ALA B 222 -14.71 3.15 -1.38
C ALA B 222 -15.41 1.90 -1.89
N SER B 223 -15.12 0.74 -1.28
CA SER B 223 -15.81 -0.50 -1.63
C SER B 223 -17.21 -0.55 -1.06
N GLU B 224 -17.36 -0.14 0.22
CA GLU B 224 -18.62 -0.27 0.94
C GLU B 224 -19.73 0.58 0.33
N GLN B 225 -19.41 1.79 -0.13
CA GLN B 225 -20.37 2.70 -0.76
C GLN B 225 -21.66 2.79 0.04
N ALA B 226 -21.49 3.15 1.30
CA ALA B 226 -22.56 3.10 2.29
C ALA B 226 -23.80 3.84 1.79
N PRO B 227 -24.98 3.20 1.76
CA PRO B 227 -26.18 3.90 1.31
C PRO B 227 -26.78 4.80 2.37
N THR B 228 -26.43 4.60 3.63
CA THR B 228 -26.96 5.38 4.74
C THR B 228 -25.79 5.95 5.51
N VAL B 229 -25.66 7.27 5.54
CA VAL B 229 -24.67 7.94 6.37
C VAL B 229 -25.40 8.99 7.21
N GLY B 230 -25.26 8.91 8.53
CA GLY B 230 -25.91 9.83 9.44
C GLY B 230 -25.12 11.11 9.62
N GLU B 231 -25.49 11.88 10.66
CA GLU B 231 -24.81 13.14 10.92
C GLU B 231 -23.39 12.93 11.44
N ALA B 232 -23.19 11.90 12.27
CA ALA B 232 -21.87 11.55 12.79
C ALA B 232 -21.94 10.12 13.28
N ALA B 233 -20.85 9.38 13.12
CA ALA B 233 -20.78 7.99 13.58
C ALA B 233 -20.11 7.95 14.95
N LEU B 234 -20.81 7.39 15.93
CA LEU B 234 -20.18 7.14 17.23
C LEU B 234 -19.36 5.86 17.14
N LEU B 235 -18.09 5.93 17.54
CA LEU B 235 -17.16 4.82 17.50
C LEU B 235 -16.62 4.51 18.89
N HIS B 236 -16.26 3.25 19.10
CA HIS B 236 -15.44 2.85 20.24
C HIS B 236 -14.09 2.37 19.72
N TYR B 237 -13.02 2.76 20.42
CA TYR B 237 -11.69 2.21 20.16
C TYR B 237 -11.51 1.03 21.11
N VAL B 238 -11.49 -0.18 20.56
CA VAL B 238 -11.64 -1.40 21.36
C VAL B 238 -10.33 -2.20 21.32
N ASP B 239 -9.91 -2.67 22.49
N ASP B 239 -9.91 -2.69 22.49
CA ASP B 239 -8.81 -3.62 22.55
CA ASP B 239 -8.82 -3.64 22.58
C ASP B 239 -9.31 -4.99 22.10
C ASP B 239 -9.32 -5.00 22.12
N PRO B 240 -8.83 -5.54 20.99
CA PRO B 240 -9.39 -6.80 20.50
C PRO B 240 -9.12 -7.98 21.42
N ASP B 241 -8.05 -7.94 22.21
CA ASP B 241 -7.77 -9.04 23.13
C ASP B 241 -8.87 -9.16 24.18
N THR B 242 -9.08 -8.09 24.96
CA THR B 242 -10.00 -8.12 26.09
C THR B 242 -11.40 -7.62 25.76
N GLY B 243 -11.59 -6.95 24.62
CA GLY B 243 -12.88 -6.35 24.32
C GLY B 243 -13.15 -5.05 25.03
N ARG B 244 -12.18 -4.53 25.77
CA ARG B 244 -12.41 -3.33 26.56
C ARG B 244 -12.50 -2.09 25.67
N ASN B 245 -13.41 -1.18 26.03
CA ASN B 245 -13.60 0.08 25.31
C ASN B 245 -12.59 1.09 25.85
N LEU B 246 -11.63 1.49 25.01
CA LEU B 246 -10.58 2.41 25.42
C LEU B 246 -10.94 3.87 25.23
N GLY B 247 -12.05 4.17 24.56
CA GLY B 247 -12.43 5.57 24.37
C GLY B 247 -13.43 5.78 23.27
N GLU B 248 -14.24 6.83 23.40
CA GLU B 248 -15.27 7.20 22.43
C GLU B 248 -14.73 8.22 21.44
N PHE B 249 -15.09 8.03 20.17
CA PHE B 249 -14.71 8.90 19.07
C PHE B 249 -15.94 9.16 18.20
N LYS B 250 -15.89 10.21 17.38
CA LYS B 250 -16.89 10.43 16.34
C LYS B 250 -16.20 10.43 14.97
N ALA B 251 -16.85 9.82 13.99
CA ALA B 251 -16.44 9.95 12.59
C ALA B 251 -17.48 10.81 11.87
N TYR B 252 -17.00 11.83 11.11
CA TYR B 252 -17.88 12.74 10.40
C TYR B 252 -17.96 12.39 8.91
N PRO B 253 -19.10 12.70 8.28
CA PRO B 253 -19.31 12.33 6.86
C PRO B 253 -18.20 12.74 5.91
N ASP B 254 -17.54 13.88 6.14
CA ASP B 254 -16.48 14.30 5.23
C ASP B 254 -15.21 13.44 5.35
N GLY B 255 -15.14 12.53 6.30
CA GLY B 255 -14.06 11.57 6.33
C GLY B 255 -12.96 11.85 7.32
N PHE B 256 -13.32 12.29 8.54
CA PHE B 256 -12.32 12.50 9.58
C PHE B 256 -12.88 12.06 10.93
N LEU B 257 -11.97 11.82 11.88
CA LEU B 257 -12.32 11.38 13.23
C LEU B 257 -12.00 12.46 14.25
N THR B 258 -12.74 12.46 15.36
CA THR B 258 -12.50 13.41 16.45
C THR B 258 -12.64 12.73 17.81
N CYS B 259 -12.12 13.40 18.84
CA CYS B 259 -12.41 13.02 20.23
C CYS B 259 -12.26 14.27 21.09
N VAL B 260 -12.63 14.12 22.36
CA VAL B 260 -12.45 15.14 23.38
C VAL B 260 -11.30 14.68 24.28
N PRO B 261 -10.14 15.34 24.23
CA PRO B 261 -9.04 14.95 25.13
C PRO B 261 -9.39 15.25 26.58
N ASN B 262 -8.89 14.39 27.47
CA ASN B 262 -9.05 14.60 28.91
C ASN B 262 -7.83 15.29 29.50
N GLY B 263 -7.44 16.41 28.90
CA GLY B 263 -6.27 17.15 29.30
C GLY B 263 -5.17 17.05 28.24
N ALA B 264 -3.99 17.53 28.62
CA ALA B 264 -2.86 17.51 27.71
C ALA B 264 -1.95 16.30 27.86
N SER B 265 -1.67 15.95 29.10
CA SER B 265 -0.89 14.75 29.35
C SER B 265 -1.71 13.53 29.02
N SER B 266 -2.98 13.72 28.82
CA SER B 266 -3.90 12.63 28.68
C SER B 266 -4.77 12.91 27.51
N GLY B 267 -4.68 12.07 26.49
CA GLY B 267 -5.43 12.22 25.25
C GLY B 267 -5.22 11.04 24.35
N PRO B 268 -5.63 11.16 23.10
CA PRO B 268 -5.52 9.99 22.20
C PRO B 268 -4.09 9.60 21.90
N GLN B 269 -3.13 10.52 22.01
CA GLN B 269 -1.74 10.20 21.72
C GLN B 269 -1.14 9.21 22.72
N GLN B 270 -1.78 9.00 23.87
CA GLN B 270 -1.34 8.02 24.84
C GLN B 270 -1.99 6.66 24.65
N LEU B 271 -2.91 6.52 23.69
CA LEU B 271 -3.55 5.23 23.51
C LEU B 271 -2.59 4.26 22.80
N PRO B 272 -2.71 2.97 23.08
CA PRO B 272 -1.93 1.99 22.32
C PRO B 272 -2.45 1.87 20.89
N ILE B 273 -1.59 1.36 20.02
N ILE B 273 -1.59 1.37 20.01
CA ILE B 273 -1.85 1.33 18.59
CA ILE B 273 -1.91 1.34 18.59
C ILE B 273 -2.33 -0.04 18.12
C ILE B 273 -2.45 -0.01 18.14
N ASN B 274 -2.64 -0.96 19.05
CA ASN B 274 -3.13 -2.28 18.70
C ASN B 274 -4.65 -2.39 18.77
N GLY B 275 -5.38 -1.26 18.89
CA GLY B 275 -6.82 -1.29 18.96
C GLY B 275 -7.53 -1.23 17.60
N VAL B 276 -8.84 -1.42 17.64
CA VAL B 276 -9.70 -1.44 16.47
C VAL B 276 -10.81 -0.42 16.69
N PHE B 277 -11.06 0.44 15.69
CA PHE B 277 -12.21 1.32 15.73
C PHE B 277 -13.46 0.56 15.30
N VAL B 278 -14.51 0.61 16.12
CA VAL B 278 -15.73 -0.14 15.88
C VAL B 278 -16.91 0.83 15.82
N PHE B 279 -17.69 0.76 14.76
CA PHE B 279 -18.91 1.55 14.66
C PHE B 279 -19.92 1.11 15.71
N VAL B 280 -20.52 2.07 16.41
CA VAL B 280 -21.56 1.82 17.42
C VAL B 280 -22.95 2.19 16.88
N SER B 281 -23.13 3.45 16.48
CA SER B 281 -24.44 3.93 16.03
CA SER B 281 -24.43 3.92 16.01
C SER B 281 -24.28 5.30 15.40
N TRP B 282 -25.30 5.70 14.64
CA TRP B 282 -25.37 7.07 14.14
C TRP B 282 -25.91 7.96 15.25
N VAL B 283 -25.27 9.10 15.47
CA VAL B 283 -25.68 10.06 16.49
C VAL B 283 -25.77 11.45 15.86
N SER B 284 -26.35 12.37 16.62
N SER B 284 -26.35 12.37 16.62
CA SER B 284 -26.44 13.75 16.16
CA SER B 284 -26.45 13.75 16.15
C SER B 284 -25.06 14.39 16.07
C SER B 284 -25.06 14.39 16.07
N ARG B 285 -24.96 15.42 15.22
CA ARG B 285 -23.72 16.16 15.08
C ARG B 285 -23.28 16.78 16.41
N PHE B 286 -24.21 16.98 17.35
CA PHE B 286 -23.93 17.62 18.63
C PHE B 286 -23.65 16.65 19.75
N TYR B 287 -23.64 15.36 19.48
CA TYR B 287 -23.47 14.37 20.54
C TYR B 287 -22.20 14.64 21.33
N GLN B 288 -22.35 14.76 22.65
CA GLN B 288 -21.22 15.10 23.50
C GLN B 288 -20.46 13.83 23.89
N LEU B 289 -19.17 13.80 23.56
CA LEU B 289 -18.32 12.65 23.85
C LEU B 289 -17.78 12.68 25.26
N LYS B 290 -17.63 11.49 25.86
CA LYS B 290 -16.86 11.36 27.08
C LYS B 290 -15.37 11.50 26.78
N PRO B 291 -14.64 12.26 27.60
CA PRO B 291 -13.23 12.53 27.28
C PRO B 291 -12.37 11.28 27.27
N VAL B 292 -11.32 11.33 26.44
CA VAL B 292 -10.26 10.32 26.41
C VAL B 292 -9.08 10.80 27.27
C1 GLC C . 27.48 -4.32 -16.70
C2 GLC C . 26.35 -5.15 -17.28
C3 GLC C . 25.21 -5.35 -16.29
C4 GLC C . 25.73 -5.77 -14.93
C5 GLC C . 26.82 -4.78 -14.48
C6 GLC C . 27.40 -5.07 -13.10
O1 GLC C . 27.06 -2.96 -16.53
O2 GLC C . 25.83 -4.50 -18.45
O3 GLC C . 24.30 -6.34 -16.79
O4 GLC C . 24.61 -5.74 -14.03
O5 GLC C . 27.88 -4.83 -15.42
O6 GLC C . 27.88 -6.41 -13.07
C1 GAL C . 24.52 -6.97 -13.30
C2 GAL C . 23.48 -6.69 -12.16
C3 GAL C . 23.28 -7.93 -11.34
C4 GAL C . 22.88 -9.12 -12.25
C5 GAL C . 23.94 -9.28 -13.36
C6 GAL C . 23.61 -10.36 -14.38
O2 GAL C . 23.99 -5.67 -11.30
O3 GAL C . 22.27 -7.75 -10.31
O4 GAL C . 21.61 -8.89 -12.88
O5 GAL C . 24.09 -8.04 -14.11
O6 GAL C . 24.71 -10.62 -15.26
C1 FUC C . 22.99 -4.69 -10.97
C2 FUC C . 23.42 -4.02 -9.61
C3 FUC C . 24.60 -3.06 -9.79
C4 FUC C . 24.29 -2.06 -10.90
C5 FUC C . 23.96 -2.82 -12.20
C6 FUC C . 23.60 -1.93 -13.39
O2 FUC C . 23.70 -5.02 -8.63
O3 FUC C . 24.85 -2.33 -8.59
O4 FUC C . 23.21 -1.18 -10.50
O5 FUC C . 22.85 -3.74 -12.02
C1 GLC D . 25.51 19.05 3.49
C2 GLC D . 24.50 19.36 4.58
C3 GLC D . 23.11 18.85 4.19
C4 GLC D . 22.71 19.32 2.80
C5 GLC D . 23.83 18.93 1.83
C6 GLC D . 23.59 19.29 0.36
O1 GLC D . 25.68 17.63 3.39
O2 GLC D . 24.89 18.71 5.79
O3 GLC D . 22.17 19.27 5.19
O4 GLC D . 21.48 18.65 2.46
O5 GLC D . 25.04 19.57 2.24
O6 GLC D . 23.38 20.70 0.26
C1 GAL D . 20.49 19.57 1.99
C2 GAL D . 19.39 18.69 1.38
C3 GAL D . 18.23 19.54 0.87
C4 GAL D . 17.74 20.47 1.99
C5 GAL D . 18.91 21.26 2.56
C6 GAL D . 18.51 22.09 3.80
O2 GAL D . 19.91 17.96 0.28
O3 GAL D . 17.13 18.75 0.44
O4 GAL D . 17.13 19.74 3.09
O5 GAL D . 19.95 20.39 3.01
O6 GAL D . 19.55 22.99 4.18
C1 FUC D . 19.54 16.57 0.33
C2 FUC D . 19.63 16.04 -1.13
C3 FUC D . 21.09 15.86 -1.58
C4 FUC D . 21.83 14.95 -0.59
C5 FUC D . 21.75 15.59 0.80
C6 FUC D . 22.41 14.75 1.89
O2 FUC D . 18.92 16.91 -2.03
O3 FUC D . 21.16 15.21 -2.85
O4 FUC D . 21.23 13.65 -0.59
O5 FUC D . 20.38 15.80 1.21
NA NA E . 19.69 -19.65 1.40
C1 EDO F . -11.11 -3.80 5.17
O1 EDO F . -12.07 -4.04 4.13
C2 EDO F . -9.68 -3.80 4.65
O2 EDO F . -9.37 -2.73 3.74
C1 EDO G . -21.54 -4.41 -8.78
O1 EDO G . -21.41 -5.38 -7.74
C2 EDO G . -20.24 -4.34 -9.57
O2 EDO G . -20.39 -3.39 -10.63
C1 EDO H . 4.55 -20.22 7.74
O1 EDO H . 4.83 -19.76 6.41
C2 EDO H . 5.18 -19.28 8.76
O2 EDO H . 4.15 -18.58 9.47
C1 EDO I . -5.19 -10.73 10.30
O1 EDO I . -5.02 -11.81 11.23
C2 EDO I . -6.10 -9.65 10.89
O2 EDO I . -5.34 -8.66 11.59
C1 EDO J . 1.64 -22.44 6.88
O1 EDO J . 0.30 -22.72 7.30
C2 EDO J . 1.68 -21.07 6.21
O2 EDO J . 1.62 -20.03 7.20
C1 EDO K . 7.81 -4.49 -17.42
O1 EDO K . 7.15 -5.52 -18.19
C2 EDO K . 7.80 -3.19 -18.21
O2 EDO K . 8.26 -3.43 -19.55
C1 EDO L . -3.96 -14.78 10.35
O1 EDO L . -5.10 -14.04 9.92
C2 EDO L . -4.15 -15.39 11.74
O2 EDO L . -4.46 -16.78 11.62
NA NA M . 4.21 25.97 -7.54
C1 EDO N . -12.28 -3.41 0.39
O1 EDO N . -12.50 -3.58 1.80
C2 EDO N . -10.88 -2.86 0.08
O2 EDO N . -9.82 -3.48 0.83
C1 EDO O . -14.20 -5.90 17.44
O1 EDO O . -14.81 -6.35 18.65
C2 EDO O . -12.78 -5.44 17.77
O2 EDO O . -12.07 -6.54 18.36
#